data_9HBM
#
_entry.id   9HBM
#
_cell.length_a   59.420
_cell.length_b   71.150
_cell.length_c   111.080
_cell.angle_alpha   90.000
_cell.angle_beta   90.000
_cell.angle_gamma   90.000
#
_symmetry.space_group_name_H-M   'P 21 21 21'
#
loop_
_entity.id
_entity.type
_entity.pdbx_description
1 polymer 'Uridine diphosphate glucose pyrophosphatase NUDT14'
2 non-polymer 1-(1-methylpiperidin-4-yl)-3-(4-propan-2-yloxyphenyl)pyrazolo[3,4-d]pyrimidin-4-amine
3 non-polymer 'MAGNESIUM ION'
4 water water
#
_entity_poly.entity_id   1
_entity_poly.type   'polypeptide(L)'
_entity_poly.pdbx_seq_one_letter_code
;SMERIEGASVGRCAASPYLRPLTLHYRQNGAQKSWDFMKTHDSVTVLLFNSSRRSLVLVKQFRPAVYAGEVERRFPGSLA
AVDQDGPRELQPALPGSAGVTVELCAGLVDQPGLSLEEVACKEAWEECGYHLAPSDLRRVATYWSGVGLTGSRQTMFYTE
VTDAQRSGPGGGLVEEGELIEVVHLPLEGAQAFADDPDIPKTLGVIFGVSWFLSQVAPNLDLQ
;
_entity_poly.pdbx_strand_id   A,B
#
# COMPACT_ATOMS: atom_id res chain seq x y z
N SER A 1 -21.51 -0.52 -0.23
CA SER A 1 -20.97 -1.84 -0.52
C SER A 1 -22.06 -2.85 -0.88
N MET A 2 -22.92 -2.50 -1.84
CA MET A 2 -23.90 -3.46 -2.34
C MET A 2 -23.17 -4.58 -3.06
N GLU A 3 -23.35 -5.81 -2.58
CA GLU A 3 -22.58 -6.95 -3.05
C GLU A 3 -23.20 -7.64 -4.25
N ARG A 4 -24.26 -7.08 -4.83
CA ARG A 4 -24.86 -7.67 -6.03
C ARG A 4 -24.03 -7.26 -7.24
N ILE A 5 -23.09 -8.12 -7.61
CA ILE A 5 -22.23 -7.90 -8.78
C ILE A 5 -22.59 -8.95 -9.83
N GLU A 6 -22.89 -8.48 -11.03
CA GLU A 6 -23.29 -9.36 -12.12
C GLU A 6 -22.55 -8.96 -13.38
N GLY A 7 -22.50 -9.90 -14.34
CA GLY A 7 -21.88 -9.62 -15.62
C GLY A 7 -20.40 -9.31 -15.57
N ALA A 8 -19.71 -9.74 -14.53
CA ALA A 8 -18.29 -9.44 -14.38
C ALA A 8 -17.50 -9.98 -15.56
N SER A 9 -16.77 -9.09 -16.24
CA SER A 9 -15.93 -9.46 -17.36
C SER A 9 -14.64 -8.66 -17.30
N VAL A 10 -13.60 -9.18 -17.94
CA VAL A 10 -12.30 -8.53 -17.99
C VAL A 10 -12.00 -8.19 -19.44
N GLY A 11 -11.61 -6.94 -19.69
CA GLY A 11 -11.36 -6.45 -21.03
C GLY A 11 -9.96 -5.87 -21.16
N ARG A 12 -9.42 -5.97 -22.36
CA ARG A 12 -8.18 -5.28 -22.68
C ARG A 12 -8.34 -3.78 -22.49
N CYS A 13 -7.31 -3.15 -21.95
CA CYS A 13 -7.27 -1.70 -21.75
C CYS A 13 -6.00 -1.19 -22.43
N ALA A 14 -6.09 -0.88 -23.72
CA ALA A 14 -4.93 -0.36 -24.44
C ALA A 14 -4.70 1.11 -24.09
N ALA A 15 -5.74 1.93 -24.19
CA ALA A 15 -5.65 3.35 -23.91
C ALA A 15 -6.54 3.68 -22.73
N SER A 16 -5.93 4.14 -21.63
CA SER A 16 -6.64 4.50 -20.42
C SER A 16 -6.33 5.94 -20.04
N PRO A 17 -7.34 6.80 -19.87
CA PRO A 17 -7.09 8.13 -19.31
C PRO A 17 -6.79 8.10 -17.82
N TYR A 18 -6.91 6.95 -17.16
CA TYR A 18 -6.64 6.83 -15.74
C TYR A 18 -5.32 6.14 -15.43
N LEU A 19 -4.74 5.38 -16.37
CA LEU A 19 -3.53 4.63 -16.11
C LEU A 19 -2.36 5.29 -16.83
N ARG A 20 -1.23 5.46 -16.12
CA ARG A 20 -0.05 6.16 -16.63
C ARG A 20 1.18 5.31 -16.34
N PRO A 21 1.39 4.23 -17.10
CA PRO A 21 2.60 3.43 -16.91
C PRO A 21 3.81 4.10 -17.56
N LEU A 22 4.93 4.08 -16.82
CA LEU A 22 6.18 4.65 -17.30
C LEU A 22 7.32 3.72 -16.92
N THR A 23 8.48 3.93 -17.53
CA THR A 23 9.68 3.17 -17.23
C THR A 23 10.83 4.12 -16.97
N LEU A 24 11.50 3.97 -15.84
CA LEU A 24 12.64 4.79 -15.48
C LEU A 24 13.93 4.08 -15.87
N HIS A 25 14.73 4.71 -16.73
CA HIS A 25 16.05 4.22 -17.09
C HIS A 25 17.10 5.02 -16.32
N TYR A 26 18.01 4.33 -15.65
CA TYR A 26 18.96 5.01 -14.79
C TYR A 26 20.25 4.18 -14.70
N ARG A 27 21.29 4.82 -14.19
CA ARG A 27 22.58 4.18 -14.01
C ARG A 27 22.91 4.12 -12.52
N GLN A 28 23.25 2.92 -12.04
CA GLN A 28 23.55 2.66 -10.64
C GLN A 28 24.66 1.63 -10.54
N ASN A 29 25.72 1.99 -9.82
CA ASN A 29 26.90 1.14 -9.65
C ASN A 29 27.43 0.64 -10.99
N GLY A 30 27.29 1.48 -12.01
CA GLY A 30 27.85 1.23 -13.32
C GLY A 30 27.17 0.15 -14.15
N ALA A 31 25.90 -0.15 -13.93
CA ALA A 31 25.27 -1.28 -14.59
C ALA A 31 23.84 -0.91 -14.99
N GLN A 32 23.63 -0.65 -16.30
CA GLN A 32 22.39 -0.09 -16.84
C GLN A 32 21.15 -0.82 -16.32
N LYS A 33 20.13 -0.05 -15.93
CA LYS A 33 18.95 -0.61 -15.28
C LYS A 33 17.68 0.09 -15.75
N SER A 34 16.54 -0.60 -15.60
CA SER A 34 15.23 -0.07 -15.92
C SER A 34 14.23 -0.54 -14.86
N TRP A 35 13.13 0.21 -14.74
CA TRP A 35 12.12 -0.10 -13.74
C TRP A 35 10.76 0.38 -14.22
N ASP A 36 9.76 -0.47 -14.11
CA ASP A 36 8.39 -0.16 -14.55
C ASP A 36 7.58 0.33 -13.35
N PHE A 37 6.96 1.50 -13.51
CA PHE A 37 6.19 2.09 -12.42
C PHE A 37 4.97 2.82 -12.99
N MET A 38 4.16 3.33 -12.07
CA MET A 38 2.92 4.03 -12.39
C MET A 38 2.95 5.42 -11.75
N LYS A 39 2.62 6.45 -12.53
CA LYS A 39 2.54 7.80 -11.98
C LYS A 39 1.19 8.02 -11.33
N THR A 40 1.17 8.04 -9.99
CA THR A 40 -0.04 8.29 -9.23
C THR A 40 0.15 9.50 -8.33
N HIS A 41 -0.91 10.28 -8.15
CA HIS A 41 -0.90 11.39 -7.21
C HIS A 41 -0.79 10.86 -5.78
N ASP A 42 -0.49 11.77 -4.86
CA ASP A 42 -0.48 11.46 -3.44
C ASP A 42 -1.91 11.32 -2.92
N SER A 43 -2.03 10.84 -1.68
CA SER A 43 -3.33 10.60 -1.09
C SER A 43 -3.29 10.89 0.41
N VAL A 44 -4.48 11.04 0.99
CA VAL A 44 -4.65 11.22 2.42
C VAL A 44 -5.66 10.20 2.93
N THR A 45 -5.53 9.87 4.22
CA THR A 45 -6.48 9.03 4.92
C THR A 45 -6.80 9.70 6.25
N VAL A 46 -7.97 9.37 6.81
CA VAL A 46 -8.37 9.96 8.07
C VAL A 46 -9.09 8.91 8.91
N LEU A 47 -8.58 8.66 10.12
CA LEU A 47 -9.22 7.78 11.07
C LEU A 47 -10.07 8.62 12.02
N LEU A 48 -11.35 8.29 12.13
CA LEU A 48 -12.28 9.02 12.97
C LEU A 48 -12.64 8.18 14.19
N PHE A 49 -12.72 8.85 15.34
CA PHE A 49 -13.20 8.23 16.58
C PHE A 49 -14.46 8.97 17.02
N ASN A 50 -15.62 8.34 16.85
CA ASN A 50 -16.88 8.89 17.33
C ASN A 50 -16.99 8.58 18.83
N SER A 51 -16.80 9.62 19.66
CA SER A 51 -16.87 9.41 21.10
C SER A 51 -18.31 9.21 21.58
N SER A 52 -19.29 9.75 20.84
CA SER A 52 -20.68 9.58 21.24
C SER A 52 -21.09 8.11 21.20
N ARG A 53 -20.59 7.37 20.21
CA ARG A 53 -20.86 5.94 20.10
C ARG A 53 -19.71 5.08 20.61
N ARG A 54 -18.58 5.68 20.98
CA ARG A 54 -17.35 4.97 21.32
C ARG A 54 -17.00 3.95 20.23
N SER A 55 -16.93 4.46 18.99
CA SER A 55 -16.72 3.62 17.82
C SER A 55 -15.79 4.32 16.84
N LEU A 56 -14.89 3.56 16.23
CA LEU A 56 -14.09 4.07 15.13
C LEU A 56 -14.89 4.06 13.85
N VAL A 57 -14.70 5.08 13.03
CA VAL A 57 -15.47 5.26 11.80
C VAL A 57 -14.64 4.77 10.62
N LEU A 58 -15.15 3.76 9.92
CA LEU A 58 -14.52 3.18 8.75
C LEU A 58 -15.49 3.23 7.57
N VAL A 59 -14.99 2.86 6.39
CA VAL A 59 -15.80 2.82 5.19
C VAL A 59 -15.73 1.43 4.58
N LYS A 60 -16.84 0.99 3.99
CA LYS A 60 -16.93 -0.30 3.31
C LYS A 60 -17.49 -0.07 1.93
N GLN A 61 -16.84 -0.63 0.91
CA GLN A 61 -17.25 -0.43 -0.47
C GLN A 61 -16.71 -1.56 -1.32
N PHE A 62 -17.26 -1.69 -2.52
CA PHE A 62 -16.80 -2.67 -3.48
C PHE A 62 -15.59 -2.12 -4.22
N ARG A 63 -14.49 -2.88 -4.20
CA ARG A 63 -13.28 -2.50 -4.91
C ARG A 63 -13.06 -3.45 -6.08
N PRO A 64 -13.29 -3.01 -7.32
CA PRO A 64 -13.19 -3.94 -8.47
C PRO A 64 -11.84 -4.60 -8.60
N ALA A 65 -10.75 -3.88 -8.31
CA ALA A 65 -9.42 -4.49 -8.41
C ALA A 65 -9.25 -5.59 -7.36
N VAL A 66 -9.81 -5.40 -6.17
CA VAL A 66 -9.75 -6.44 -5.14
C VAL A 66 -10.58 -7.64 -5.57
N TYR A 67 -11.76 -7.39 -6.15
CA TYR A 67 -12.60 -8.48 -6.64
C TYR A 67 -11.87 -9.30 -7.70
N ALA A 68 -11.28 -8.62 -8.68
CA ALA A 68 -10.55 -9.33 -9.72
C ALA A 68 -9.39 -10.13 -9.15
N GLY A 69 -8.67 -9.57 -8.17
CA GLY A 69 -7.57 -10.29 -7.56
C GLY A 69 -8.02 -11.52 -6.80
N GLU A 70 -9.20 -11.47 -6.19
CA GLU A 70 -9.69 -12.62 -5.46
C GLU A 70 -10.19 -13.72 -6.39
N VAL A 71 -10.87 -13.33 -7.49
CA VAL A 71 -11.25 -14.30 -8.51
C VAL A 71 -10.01 -14.98 -9.08
N GLU A 72 -8.98 -14.19 -9.37
CA GLU A 72 -7.71 -14.74 -9.85
C GLU A 72 -7.07 -15.64 -8.80
N ARG A 73 -7.19 -15.26 -7.52
CA ARG A 73 -6.58 -16.04 -6.45
C ARG A 73 -7.21 -17.43 -6.36
N ARG A 74 -8.53 -17.52 -6.47
CA ARG A 74 -9.18 -18.82 -6.39
C ARG A 74 -9.16 -19.56 -7.73
N PHE A 75 -9.09 -18.83 -8.83
CA PHE A 75 -9.13 -19.43 -10.17
C PHE A 75 -8.02 -18.78 -11.01
N PRO A 76 -6.77 -19.23 -10.82
CA PRO A 76 -5.66 -18.66 -11.60
C PRO A 76 -5.91 -18.76 -13.09
N GLY A 77 -5.54 -17.71 -13.81
CA GLY A 77 -5.84 -17.59 -15.21
C GLY A 77 -7.07 -16.77 -15.54
N SER A 78 -7.85 -16.39 -14.52
CA SER A 78 -9.02 -15.54 -14.75
C SER A 78 -8.64 -14.22 -15.39
N LEU A 79 -7.44 -13.72 -15.07
CA LEU A 79 -6.96 -12.44 -15.58
C LEU A 79 -5.86 -12.62 -16.62
N ALA A 80 -5.92 -13.71 -17.39
CA ALA A 80 -5.00 -13.88 -18.49
C ALA A 80 -5.22 -12.78 -19.53
N ALA A 81 -4.24 -12.62 -20.41
CA ALA A 81 -4.29 -11.54 -21.40
C ALA A 81 -5.56 -11.65 -22.25
N VAL A 82 -6.20 -10.51 -22.46
CA VAL A 82 -7.44 -10.45 -23.23
C VAL A 82 -7.10 -10.20 -24.69
N ASP A 83 -7.78 -10.93 -25.57
CA ASP A 83 -7.59 -10.76 -27.01
C ASP A 83 -8.36 -9.53 -27.49
N GLN A 84 -8.54 -9.42 -28.80
CA GLN A 84 -9.24 -8.29 -29.39
C GLN A 84 -10.74 -8.55 -29.56
N ASP A 85 -11.24 -9.69 -29.11
CA ASP A 85 -12.63 -10.08 -29.34
C ASP A 85 -13.54 -9.64 -28.20
N GLY A 86 -13.38 -8.39 -27.75
CA GLY A 86 -14.23 -7.81 -26.75
C GLY A 86 -13.91 -8.28 -25.35
N PRO A 87 -14.72 -7.86 -24.37
CA PRO A 87 -14.48 -8.27 -22.98
C PRO A 87 -14.76 -9.76 -22.80
N ARG A 88 -13.92 -10.40 -21.99
CA ARG A 88 -14.02 -11.83 -21.71
C ARG A 88 -14.81 -12.02 -20.43
N GLU A 89 -15.94 -12.71 -20.52
CA GLU A 89 -16.79 -12.92 -19.36
C GLU A 89 -16.07 -13.77 -18.32
N LEU A 90 -16.08 -13.33 -17.07
CA LEU A 90 -15.44 -14.09 -16.00
C LEU A 90 -16.31 -15.30 -15.65
N GLN A 91 -15.87 -16.47 -16.09
CA GLN A 91 -16.59 -17.69 -15.79
C GLN A 91 -15.56 -18.77 -15.46
N PRO A 92 -15.44 -19.17 -14.18
CA PRO A 92 -16.27 -18.83 -13.02
C PRO A 92 -16.11 -17.43 -12.44
N ALA A 93 -17.15 -16.93 -11.79
CA ALA A 93 -17.10 -15.68 -11.04
C ALA A 93 -17.44 -15.95 -9.58
N LEU A 94 -17.25 -14.93 -8.75
CA LEU A 94 -17.46 -15.02 -7.31
C LEU A 94 -18.57 -14.05 -6.89
N PRO A 95 -19.20 -14.29 -5.74
CA PRO A 95 -20.15 -13.30 -5.20
C PRO A 95 -19.46 -11.96 -4.98
N GLY A 96 -20.25 -10.89 -5.04
CA GLY A 96 -19.70 -9.55 -4.93
C GLY A 96 -18.99 -9.28 -3.62
N SER A 97 -19.32 -10.04 -2.57
CA SER A 97 -18.67 -9.85 -1.28
C SER A 97 -17.16 -10.06 -1.35
N ALA A 98 -16.67 -10.79 -2.36
CA ALA A 98 -15.23 -11.06 -2.47
C ALA A 98 -14.44 -9.81 -2.82
N GLY A 99 -15.07 -8.79 -3.37
CA GLY A 99 -14.43 -7.50 -3.59
C GLY A 99 -14.77 -6.43 -2.59
N VAL A 100 -15.53 -6.75 -1.54
CA VAL A 100 -15.98 -5.76 -0.58
C VAL A 100 -14.92 -5.63 0.51
N THR A 101 -14.39 -4.42 0.69
CA THR A 101 -13.31 -4.16 1.61
C THR A 101 -13.77 -3.22 2.72
N VAL A 102 -13.02 -3.25 3.82
CA VAL A 102 -13.16 -2.27 4.90
C VAL A 102 -11.89 -1.43 4.91
N GLU A 103 -12.03 -0.12 4.74
CA GLU A 103 -10.91 0.79 4.60
C GLU A 103 -11.10 1.99 5.52
N LEU A 104 -10.05 2.80 5.61
CA LEU A 104 -10.17 4.14 6.15
C LEU A 104 -10.64 5.08 5.06
N CYS A 105 -11.36 6.12 5.47
CA CYS A 105 -11.72 7.20 4.56
C CYS A 105 -10.48 7.78 3.90
N ALA A 106 -10.50 7.87 2.58
CA ALA A 106 -9.27 8.19 1.84
C ALA A 106 -9.59 8.94 0.57
N GLY A 107 -8.75 9.93 0.26
CA GLY A 107 -8.91 10.70 -0.95
C GLY A 107 -7.56 11.09 -1.53
N LEU A 108 -7.60 11.69 -2.72
CA LEU A 108 -6.43 12.02 -3.52
C LEU A 108 -6.09 13.50 -3.43
N VAL A 109 -4.79 13.82 -3.40
CA VAL A 109 -4.32 15.20 -3.41
C VAL A 109 -4.29 15.72 -4.84
N ASP A 110 -5.47 15.91 -5.42
CA ASP A 110 -5.59 16.38 -6.80
C ASP A 110 -6.26 17.75 -6.94
N GLN A 111 -7.10 18.15 -5.98
CA GLN A 111 -7.76 19.45 -6.08
C GLN A 111 -6.78 20.56 -5.71
N PRO A 112 -6.53 21.52 -6.59
CA PRO A 112 -5.58 22.58 -6.27
C PRO A 112 -6.12 23.51 -5.19
N GLY A 113 -5.21 24.21 -4.53
CA GLY A 113 -5.55 25.14 -3.48
C GLY A 113 -5.97 24.52 -2.17
N LEU A 114 -6.09 23.20 -2.10
CA LEU A 114 -6.49 22.51 -0.88
C LEU A 114 -5.26 21.89 -0.22
N SER A 115 -5.07 22.20 1.06
CA SER A 115 -4.02 21.55 1.82
C SER A 115 -4.39 20.10 2.10
N LEU A 116 -3.43 19.34 2.64
CA LEU A 116 -3.69 17.93 2.95
C LEU A 116 -4.84 17.78 3.93
N GLU A 117 -4.87 18.63 4.96
CA GLU A 117 -5.94 18.55 5.96
C GLU A 117 -7.30 18.83 5.34
N GLU A 118 -7.35 19.78 4.40
CA GLU A 118 -8.61 20.07 3.73
C GLU A 118 -9.07 18.87 2.91
N VAL A 119 -8.19 18.32 2.07
CA VAL A 119 -8.55 17.16 1.26
C VAL A 119 -9.08 16.03 2.13
N ALA A 120 -8.50 15.84 3.31
CA ALA A 120 -8.99 14.82 4.23
C ALA A 120 -10.39 15.18 4.74
N CYS A 121 -10.61 16.45 5.09
CA CYS A 121 -11.92 16.87 5.56
C CYS A 121 -12.99 16.70 4.48
N LYS A 122 -12.66 17.06 3.24
CA LYS A 122 -13.63 16.93 2.16
C LYS A 122 -13.99 15.48 1.93
N GLU A 123 -13.02 14.57 2.08
CA GLU A 123 -13.29 13.15 1.91
C GLU A 123 -14.13 12.60 3.04
N ALA A 124 -13.89 13.07 4.27
CA ALA A 124 -14.71 12.65 5.40
C ALA A 124 -16.14 13.15 5.25
N TRP A 125 -16.32 14.30 4.61
CA TRP A 125 -17.67 14.80 4.35
C TRP A 125 -18.34 14.01 3.23
N GLU A 126 -17.63 13.84 2.12
CA GLU A 126 -18.21 13.16 0.96
C GLU A 126 -18.51 11.70 1.24
N GLU A 127 -17.65 11.02 2.01
CA GLU A 127 -17.77 9.58 2.23
C GLU A 127 -18.45 9.23 3.55
N CYS A 128 -18.18 9.95 4.63
CA CYS A 128 -18.69 9.61 5.94
C CYS A 128 -19.75 10.57 6.45
N GLY A 129 -19.92 11.73 5.83
CA GLY A 129 -20.92 12.69 6.28
C GLY A 129 -20.55 13.49 7.51
N TYR A 130 -19.31 13.40 7.97
CA TYR A 130 -18.86 14.18 9.11
C TYR A 130 -18.22 15.48 8.64
N HIS A 131 -18.58 16.57 9.32
CA HIS A 131 -18.02 17.88 9.04
C HIS A 131 -16.87 18.14 10.02
N LEU A 132 -15.65 18.11 9.51
CA LEU A 132 -14.45 18.26 10.33
C LEU A 132 -13.84 19.64 10.12
N ALA A 133 -13.07 20.06 11.11
CA ALA A 133 -12.26 21.26 10.97
C ALA A 133 -10.82 20.89 10.68
N PRO A 134 -10.22 21.45 9.62
CA PRO A 134 -8.84 21.04 9.28
C PRO A 134 -7.83 21.29 10.39
N SER A 135 -7.97 22.40 11.13
CA SER A 135 -7.04 22.68 12.21
C SER A 135 -7.17 21.69 13.37
N ASP A 136 -8.21 20.87 13.38
CA ASP A 136 -8.41 19.86 14.42
C ASP A 136 -7.80 18.51 14.07
N LEU A 137 -7.27 18.35 12.86
CA LEU A 137 -6.70 17.07 12.45
C LEU A 137 -5.31 16.89 13.03
N ARG A 138 -5.09 15.77 13.69
CA ARG A 138 -3.76 15.38 14.16
C ARG A 138 -3.10 14.48 13.12
N ARG A 139 -1.87 14.82 12.73
CA ARG A 139 -1.16 14.04 11.74
C ARG A 139 -0.53 12.82 12.41
N VAL A 140 -0.96 11.63 11.97
CA VAL A 140 -0.47 10.39 12.57
C VAL A 140 0.85 9.98 11.94
N ALA A 141 0.89 9.85 10.62
CA ALA A 141 2.10 9.38 9.95
C ALA A 141 2.03 9.73 8.46
N THR A 142 3.21 9.84 7.85
CA THR A 142 3.33 10.06 6.41
C THR A 142 4.32 9.05 5.85
N TYR A 143 4.03 8.51 4.67
CA TYR A 143 4.72 7.29 4.26
C TYR A 143 4.50 7.03 2.76
N TRP A 144 5.27 6.09 2.22
CA TRP A 144 5.35 5.81 0.77
C TRP A 144 4.61 4.52 0.46
N SER A 145 3.38 4.63 0.02
CA SER A 145 2.59 3.45 -0.26
C SER A 145 2.99 2.81 -1.59
N GLY A 146 3.20 1.50 -1.58
CA GLY A 146 3.51 0.73 -2.77
C GLY A 146 4.79 1.16 -3.44
N VAL A 147 5.92 1.05 -2.72
CA VAL A 147 7.19 1.55 -3.24
C VAL A 147 7.64 0.80 -4.49
N GLY A 148 7.14 -0.42 -4.70
CA GLY A 148 7.60 -1.22 -5.83
C GLY A 148 7.04 -0.79 -7.17
N LEU A 149 5.84 -0.23 -7.18
CA LEU A 149 5.15 0.11 -8.42
C LEU A 149 4.71 1.55 -8.53
N THR A 150 4.60 2.28 -7.41
CA THR A 150 4.14 3.65 -7.43
C THR A 150 5.05 4.50 -6.54
N GLY A 151 5.06 5.79 -6.79
CA GLY A 151 5.80 6.72 -5.97
C GLY A 151 4.89 7.65 -5.19
N SER A 152 3.72 7.14 -4.80
CA SER A 152 2.71 7.94 -4.13
C SER A 152 2.95 8.00 -2.63
N ARG A 153 2.81 9.19 -2.07
CA ARG A 153 2.93 9.42 -0.63
C ARG A 153 1.55 9.56 -0.02
N GLN A 154 1.33 8.88 1.10
CA GLN A 154 0.05 8.91 1.81
C GLN A 154 0.27 9.46 3.21
N THR A 155 -0.59 10.37 3.62
CA THR A 155 -0.56 10.95 4.96
C THR A 155 -1.83 10.59 5.69
N MET A 156 -1.69 10.06 6.90
CA MET A 156 -2.82 9.65 7.72
C MET A 156 -3.11 10.70 8.78
N PHE A 157 -4.38 11.04 8.96
CA PHE A 157 -4.83 11.98 9.97
C PHE A 157 -5.75 11.27 10.95
N TYR A 158 -5.94 11.89 12.11
CA TYR A 158 -6.85 11.40 13.13
C TYR A 158 -7.57 12.57 13.77
N THR A 159 -8.85 12.38 14.08
CA THR A 159 -9.58 13.35 14.89
C THR A 159 -10.80 12.67 15.50
N GLU A 160 -11.21 13.20 16.65
CA GLU A 160 -12.41 12.75 17.34
C GLU A 160 -13.62 13.54 16.82
N VAL A 161 -14.77 12.85 16.75
CA VAL A 161 -16.00 13.45 16.28
C VAL A 161 -17.13 13.06 17.23
N THR A 162 -18.24 13.78 17.11
CA THR A 162 -19.46 13.49 17.84
C THR A 162 -20.60 13.23 16.86
N ASP A 163 -21.72 12.74 17.40
CA ASP A 163 -22.89 12.48 16.56
C ASP A 163 -23.38 13.75 15.88
N ALA A 164 -23.32 14.89 16.59
CA ALA A 164 -23.81 16.14 16.03
C ALA A 164 -23.00 16.61 14.83
N GLN A 165 -21.75 16.16 14.70
CA GLN A 165 -20.93 16.55 13.56
C GLN A 165 -21.27 15.79 12.28
N ARG A 166 -22.13 14.77 12.37
CA ARG A 166 -22.53 14.01 11.18
C ARG A 166 -23.69 14.73 10.48
N SER A 167 -23.35 15.84 9.86
CA SER A 167 -24.33 16.73 9.23
C SER A 167 -24.56 16.43 7.75
N GLY A 168 -23.98 15.35 7.23
CA GLY A 168 -24.17 15.01 5.85
C GLY A 168 -24.57 13.55 5.67
N PRO A 169 -25.09 13.21 4.50
CA PRO A 169 -25.42 11.79 4.22
C PRO A 169 -24.18 10.95 4.02
N GLY A 170 -24.34 9.71 3.55
CA GLY A 170 -23.23 8.85 3.21
C GLY A 170 -23.07 8.70 1.71
N GLY A 171 -22.22 7.74 1.34
CA GLY A 171 -22.24 7.16 0.03
C GLY A 171 -21.14 7.63 -0.90
N GLY A 172 -20.58 8.82 -0.68
CA GLY A 172 -19.63 9.37 -1.63
C GLY A 172 -20.30 10.25 -2.68
N LEU A 173 -19.63 10.37 -3.82
CA LEU A 173 -20.14 11.14 -4.94
C LEU A 173 -20.94 10.22 -5.87
N VAL A 174 -22.22 10.54 -6.08
CA VAL A 174 -23.03 9.81 -7.04
C VAL A 174 -22.63 10.11 -8.47
N GLU A 175 -21.75 11.11 -8.67
CA GLU A 175 -21.25 11.40 -10.02
C GLU A 175 -20.43 10.25 -10.56
N GLU A 176 -19.55 9.68 -9.74
CA GLU A 176 -18.86 8.44 -10.08
C GLU A 176 -19.74 7.21 -9.83
N GLY A 177 -20.93 7.40 -9.30
CA GLY A 177 -21.76 6.26 -8.95
C GLY A 177 -21.28 5.51 -7.73
N GLU A 178 -20.51 6.17 -6.86
CA GLU A 178 -19.93 5.51 -5.71
C GLU A 178 -21.02 5.03 -4.75
N LEU A 179 -20.81 3.84 -4.19
CA LEU A 179 -21.71 3.25 -3.20
C LEU A 179 -20.87 2.88 -2.00
N ILE A 180 -20.66 3.84 -1.11
CA ILE A 180 -19.83 3.67 0.07
C ILE A 180 -20.73 3.60 1.29
N GLU A 181 -20.51 2.58 2.12
CA GLU A 181 -21.23 2.40 3.37
C GLU A 181 -20.35 2.83 4.53
N VAL A 182 -20.95 3.51 5.50
CA VAL A 182 -20.23 3.92 6.70
C VAL A 182 -20.36 2.83 7.75
N VAL A 183 -19.25 2.51 8.39
CA VAL A 183 -19.17 1.47 9.41
C VAL A 183 -18.72 2.09 10.72
N HIS A 184 -19.42 1.80 11.80
CA HIS A 184 -19.03 2.22 13.15
C HIS A 184 -18.59 0.99 13.92
N LEU A 185 -17.28 0.85 14.13
CA LEU A 185 -16.72 -0.31 14.79
C LEU A 185 -16.59 -0.02 16.28
N PRO A 186 -17.32 -0.74 17.14
CA PRO A 186 -17.19 -0.50 18.59
C PRO A 186 -15.76 -0.70 19.05
N LEU A 187 -15.41 -0.02 20.15
CA LEU A 187 -14.02 0.05 20.57
C LEU A 187 -13.56 -1.25 21.22
N GLU A 188 -14.41 -1.86 22.05
CA GLU A 188 -14.01 -3.05 22.81
C GLU A 188 -13.76 -4.26 21.93
N GLY A 189 -14.18 -4.23 20.67
CA GLY A 189 -13.95 -5.34 19.77
C GLY A 189 -13.24 -4.95 18.49
N ALA A 190 -12.48 -3.86 18.55
CA ALA A 190 -11.79 -3.36 17.36
C ALA A 190 -10.55 -4.18 17.04
N GLN A 191 -9.78 -4.56 18.05
CA GLN A 191 -8.55 -5.31 17.79
C GLN A 191 -8.84 -6.69 17.21
N ALA A 192 -9.88 -7.36 17.71
CA ALA A 192 -10.29 -8.63 17.12
C ALA A 192 -10.77 -8.45 15.69
N PHE A 193 -11.34 -7.28 15.38
CA PHE A 193 -11.77 -7.00 14.01
C PHE A 193 -10.57 -6.91 13.07
N ALA A 194 -9.45 -6.38 13.56
CA ALA A 194 -8.26 -6.23 12.74
C ALA A 194 -7.44 -7.52 12.63
N ASP A 195 -7.62 -8.45 13.58
CA ASP A 195 -6.83 -9.69 13.58
C ASP A 195 -7.50 -10.79 12.78
N ASP A 196 -8.83 -10.86 12.80
CA ASP A 196 -9.63 -11.81 12.04
C ASP A 196 -9.31 -11.73 10.56
N PRO A 197 -8.67 -12.76 9.98
CA PRO A 197 -8.31 -12.70 8.55
C PRO A 197 -9.47 -12.93 7.59
N ASP A 198 -10.70 -13.00 8.09
CA ASP A 198 -11.87 -13.27 7.24
C ASP A 198 -12.53 -12.02 6.70
N ILE A 199 -11.89 -10.85 6.85
CA ILE A 199 -12.42 -9.61 6.29
C ILE A 199 -11.35 -8.97 5.42
N PRO A 200 -11.68 -8.54 4.20
CA PRO A 200 -10.70 -7.79 3.41
C PRO A 200 -10.41 -6.43 4.03
N LYS A 201 -9.24 -6.32 4.67
CA LYS A 201 -8.83 -5.10 5.35
C LYS A 201 -7.55 -4.56 4.71
N THR A 202 -7.37 -3.25 4.80
CA THR A 202 -6.13 -2.62 4.38
C THR A 202 -5.19 -2.51 5.58
N LEU A 203 -3.90 -2.30 5.27
CA LEU A 203 -2.94 -2.08 6.35
C LEU A 203 -3.24 -0.79 7.09
N GLY A 204 -3.82 0.21 6.41
CA GLY A 204 -4.20 1.44 7.09
C GLY A 204 -5.24 1.22 8.17
N VAL A 205 -6.15 0.26 7.96
CA VAL A 205 -7.12 -0.08 9.00
C VAL A 205 -6.43 -0.79 10.16
N ILE A 206 -5.55 -1.74 9.86
CA ILE A 206 -4.89 -2.51 10.91
C ILE A 206 -3.98 -1.62 11.74
N PHE A 207 -3.20 -0.78 11.08
CA PHE A 207 -2.35 0.17 11.80
C PHE A 207 -3.19 1.22 12.52
N GLY A 208 -4.28 1.67 11.90
CA GLY A 208 -5.10 2.68 12.53
C GLY A 208 -5.72 2.20 13.84
N VAL A 209 -6.22 0.97 13.85
CA VAL A 209 -6.79 0.40 15.08
C VAL A 209 -5.68 0.22 16.12
N SER A 210 -4.55 -0.34 15.70
CA SER A 210 -3.43 -0.56 16.63
C SER A 210 -2.92 0.75 17.21
N TRP A 211 -2.76 1.76 16.37
CA TRP A 211 -2.26 3.06 16.84
C TRP A 211 -3.24 3.72 17.79
N PHE A 212 -4.54 3.63 17.49
CA PHE A 212 -5.53 4.27 18.37
C PHE A 212 -5.54 3.62 19.74
N LEU A 213 -5.50 2.28 19.78
CA LEU A 213 -5.63 1.59 21.06
C LEU A 213 -4.40 1.79 21.94
N SER A 214 -3.25 2.07 21.36
CA SER A 214 -2.01 2.18 22.12
C SER A 214 -1.54 3.62 22.31
N GLN A 215 -2.08 4.59 21.57
CA GLN A 215 -1.62 5.96 21.65
C GLN A 215 -2.70 6.97 22.01
N VAL A 216 -3.99 6.64 21.84
CA VAL A 216 -5.08 7.56 22.10
C VAL A 216 -6.03 7.02 23.17
N ALA A 217 -6.41 5.75 23.06
CA ALA A 217 -7.38 5.18 24.00
C ALA A 217 -6.98 5.29 25.47
N PRO A 218 -5.73 5.05 25.87
CA PRO A 218 -5.40 5.19 27.31
C PRO A 218 -5.60 6.59 27.85
N ASN A 219 -5.58 7.61 27.01
CA ASN A 219 -5.68 9.00 27.46
C ASN A 219 -7.11 9.54 27.34
N LEU A 220 -8.11 8.67 27.46
CA LEU A 220 -9.51 9.08 27.34
C LEU A 220 -10.25 8.87 28.65
N ASP A 221 -10.54 7.63 29.02
CA ASP A 221 -11.27 7.31 30.24
C ASP A 221 -12.62 8.02 30.32
N SER B 1 21.52 0.23 -1.12
CA SER B 1 21.02 1.59 -1.21
C SER B 1 22.08 2.53 -1.76
N MET B 2 22.71 2.13 -2.87
CA MET B 2 23.67 3.02 -3.52
C MET B 2 22.94 4.24 -4.05
N GLU B 3 23.04 5.35 -3.32
CA GLU B 3 22.36 6.61 -3.63
C GLU B 3 22.94 7.31 -4.85
N ARG B 4 23.86 6.64 -5.53
CA ARG B 4 24.56 7.19 -6.69
C ARG B 4 23.80 6.78 -7.95
N ILE B 5 22.99 7.69 -8.47
CA ILE B 5 22.19 7.44 -9.67
C ILE B 5 22.52 8.50 -10.70
N GLU B 6 22.74 8.08 -11.95
CA GLU B 6 23.05 9.00 -13.03
C GLU B 6 22.29 8.59 -14.28
N GLY B 7 22.10 9.54 -15.19
CA GLY B 7 21.42 9.25 -16.44
C GLY B 7 19.94 8.96 -16.32
N ALA B 8 19.30 9.43 -15.25
CA ALA B 8 17.88 9.15 -15.04
C ALA B 8 17.05 9.74 -16.17
N SER B 9 16.23 8.90 -16.79
CA SER B 9 15.37 9.31 -17.89
C SER B 9 14.08 8.50 -17.83
N VAL B 10 12.99 9.12 -18.30
CA VAL B 10 11.67 8.50 -18.30
C VAL B 10 11.29 8.15 -19.73
N GLY B 11 10.93 6.88 -19.95
CA GLY B 11 10.54 6.40 -21.25
C GLY B 11 9.17 5.74 -21.21
N ARG B 12 8.76 5.23 -22.37
CA ARG B 12 7.46 4.60 -22.52
C ARG B 12 7.46 3.21 -21.89
N CYS B 13 6.29 2.79 -21.42
CA CYS B 13 6.12 1.50 -20.74
C CYS B 13 5.06 0.71 -21.50
N ALA B 14 5.50 -0.27 -22.29
CA ALA B 14 4.61 -1.03 -23.17
C ALA B 14 4.11 -2.32 -22.52
N ALA B 15 5.01 -3.21 -22.13
CA ALA B 15 4.62 -4.51 -21.57
C ALA B 15 5.53 -4.85 -20.41
N SER B 16 4.94 -5.34 -19.32
CA SER B 16 5.67 -5.64 -18.11
C SER B 16 5.10 -6.90 -17.47
N PRO B 17 5.95 -7.70 -16.82
CA PRO B 17 5.44 -8.80 -15.99
C PRO B 17 4.88 -8.32 -14.67
N TYR B 18 5.13 -7.05 -14.30
CA TYR B 18 4.71 -6.50 -13.02
C TYR B 18 3.55 -5.53 -13.12
N LEU B 19 3.27 -5.00 -14.31
CA LEU B 19 2.20 -4.02 -14.51
C LEU B 19 1.41 -4.40 -15.75
N ARG B 20 0.25 -5.02 -15.55
CA ARG B 20 -0.60 -5.45 -16.66
C ARG B 20 -1.93 -4.70 -16.62
N PRO B 21 -2.17 -3.76 -17.52
CA PRO B 21 -3.43 -2.99 -17.47
C PRO B 21 -4.62 -3.85 -17.88
N LEU B 22 -5.70 -3.73 -17.11
CA LEU B 22 -6.94 -4.45 -17.38
C LEU B 22 -8.12 -3.56 -17.00
N THR B 23 -9.29 -3.91 -17.53
CA THR B 23 -10.54 -3.23 -17.20
C THR B 23 -11.54 -4.27 -16.73
N LEU B 24 -12.10 -4.07 -15.54
CA LEU B 24 -13.21 -4.89 -15.07
C LEU B 24 -14.51 -4.21 -15.44
N HIS B 25 -15.34 -4.89 -16.23
CA HIS B 25 -16.70 -4.45 -16.50
C HIS B 25 -17.66 -5.25 -15.65
N TYR B 26 -18.64 -4.57 -15.06
CA TYR B 26 -19.53 -5.23 -14.11
C TYR B 26 -20.76 -4.38 -13.90
N ARG B 27 -21.81 -5.01 -13.38
CA ARG B 27 -23.03 -4.33 -12.97
C ARG B 27 -23.14 -4.44 -11.46
N GLN B 28 -23.24 -3.30 -10.78
CA GLN B 28 -23.42 -3.25 -9.34
C GLN B 28 -24.82 -2.75 -9.03
N ASN B 29 -25.63 -3.62 -8.41
CA ASN B 29 -27.03 -3.31 -8.10
C ASN B 29 -27.78 -2.87 -9.35
N GLY B 30 -27.40 -3.41 -10.51
CA GLY B 30 -28.05 -3.13 -11.77
C GLY B 30 -27.35 -2.08 -12.63
N ALA B 31 -26.46 -1.29 -12.05
CA ALA B 31 -25.82 -0.20 -12.78
C ALA B 31 -24.54 -0.67 -13.46
N GLN B 32 -24.46 -0.42 -14.77
CA GLN B 32 -23.28 -0.82 -15.54
C GLN B 32 -22.10 0.09 -15.22
N LYS B 33 -20.95 -0.51 -14.93
CA LYS B 33 -19.77 0.23 -14.52
C LYS B 33 -18.52 -0.44 -15.10
N SER B 34 -17.43 0.32 -15.11
CA SER B 34 -16.13 -0.20 -15.51
C SER B 34 -15.07 0.39 -14.59
N TRP B 35 -13.93 -0.29 -14.51
N TRP B 35 -13.94 -0.30 -14.49
CA TRP B 35 -12.86 0.11 -13.60
CA TRP B 35 -12.86 0.12 -13.61
C TRP B 35 -11.53 -0.32 -14.19
C TRP B 35 -11.54 -0.31 -14.22
N ASP B 36 -10.65 0.64 -14.45
CA ASP B 36 -9.33 0.36 -14.98
C ASP B 36 -8.37 0.12 -13.83
N PHE B 37 -7.64 -1.00 -13.87
CA PHE B 37 -6.72 -1.36 -12.81
C PHE B 37 -5.50 -2.05 -13.40
N MET B 38 -4.52 -2.31 -12.54
CA MET B 38 -3.30 -3.02 -12.91
C MET B 38 -3.27 -4.36 -12.20
N LYS B 39 -3.12 -5.43 -12.98
CA LYS B 39 -2.91 -6.75 -12.42
C LYS B 39 -1.45 -6.87 -11.97
N THR B 40 -1.25 -7.09 -10.67
CA THR B 40 0.08 -7.21 -10.11
C THR B 40 0.11 -8.41 -9.16
N HIS B 41 1.30 -8.76 -8.71
CA HIS B 41 1.48 -9.93 -7.87
C HIS B 41 1.27 -9.61 -6.40
N ASP B 42 0.86 -10.62 -5.64
CA ASP B 42 0.89 -10.54 -4.19
C ASP B 42 2.35 -10.46 -3.70
N SER B 43 2.51 -10.28 -2.39
CA SER B 43 3.85 -10.13 -1.84
C SER B 43 3.85 -10.57 -0.39
N VAL B 44 5.04 -10.66 0.18
CA VAL B 44 5.25 -10.99 1.59
C VAL B 44 6.29 -10.03 2.15
N THR B 45 6.19 -9.78 3.45
CA THR B 45 7.18 -9.03 4.20
C THR B 45 7.53 -9.81 5.46
N VAL B 46 8.69 -9.52 6.03
CA VAL B 46 9.12 -10.18 7.26
C VAL B 46 9.84 -9.17 8.14
N LEU B 47 9.38 -9.04 9.38
CA LEU B 47 10.03 -8.25 10.40
C LEU B 47 10.87 -9.18 11.26
N LEU B 48 12.18 -8.92 11.31
CA LEU B 48 13.11 -9.73 12.07
C LEU B 48 13.54 -8.95 13.31
N PHE B 49 13.50 -9.61 14.46
CA PHE B 49 14.03 -9.06 15.71
C PHE B 49 15.27 -9.85 16.09
N ASN B 50 16.43 -9.20 16.05
CA ASN B 50 17.68 -9.80 16.51
C ASN B 50 17.79 -9.57 18.01
N SER B 51 17.57 -10.63 18.79
CA SER B 51 17.57 -10.50 20.24
C SER B 51 18.96 -10.29 20.82
N SER B 52 20.01 -10.69 20.10
CA SER B 52 21.36 -10.44 20.55
C SER B 52 21.69 -8.96 20.49
N ARG B 53 21.54 -8.35 19.33
CA ARG B 53 21.77 -6.91 19.17
C ARG B 53 20.64 -6.07 19.71
N ARG B 54 19.53 -6.69 20.14
CA ARG B 54 18.33 -5.98 20.59
C ARG B 54 17.89 -4.94 19.57
N SER B 55 17.77 -5.37 18.31
CA SER B 55 17.49 -4.47 17.21
C SER B 55 16.58 -5.14 16.20
N LEU B 56 15.81 -4.31 15.49
CA LEU B 56 14.96 -4.78 14.41
C LEU B 56 15.69 -4.63 13.08
N VAL B 57 15.57 -5.66 12.24
CA VAL B 57 16.27 -5.69 10.95
C VAL B 57 15.38 -5.09 9.88
N LEU B 58 15.86 -4.04 9.23
CA LEU B 58 15.19 -3.40 8.11
C LEU B 58 16.12 -3.41 6.90
N VAL B 59 15.59 -2.95 5.76
CA VAL B 59 16.37 -2.85 4.54
C VAL B 59 16.25 -1.44 3.99
N LYS B 60 17.32 -0.98 3.36
CA LYS B 60 17.37 0.33 2.74
C LYS B 60 17.89 0.16 1.32
N GLN B 61 17.21 0.77 0.35
CA GLN B 61 17.52 0.55 -1.05
C GLN B 61 16.94 1.68 -1.88
N PHE B 62 17.40 1.77 -3.13
CA PHE B 62 16.86 2.73 -4.08
C PHE B 62 15.59 2.16 -4.72
N ARG B 63 14.52 2.95 -4.71
CA ARG B 63 13.26 2.57 -5.32
C ARG B 63 12.96 3.51 -6.48
N PRO B 64 13.13 3.06 -7.74
CA PRO B 64 12.94 3.98 -8.88
C PRO B 64 11.56 4.63 -8.92
N ALA B 65 10.52 3.92 -8.50
CA ALA B 65 9.18 4.52 -8.49
C ALA B 65 9.11 5.69 -7.52
N VAL B 66 9.74 5.55 -6.35
CA VAL B 66 9.76 6.63 -5.37
C VAL B 66 10.56 7.81 -5.93
N TYR B 67 11.72 7.54 -6.52
CA TYR B 67 12.54 8.59 -7.10
C TYR B 67 11.77 9.36 -8.16
N ALA B 68 11.09 8.65 -9.06
CA ALA B 68 10.35 9.30 -10.12
C ALA B 68 9.24 10.20 -9.57
N GLY B 69 8.47 9.67 -8.62
CA GLY B 69 7.43 10.48 -8.01
C GLY B 69 7.96 11.69 -7.29
N GLU B 70 9.18 11.59 -6.74
CA GLU B 70 9.75 12.72 -6.04
C GLU B 70 10.27 13.79 -7.00
N VAL B 71 10.76 13.39 -8.17
CA VAL B 71 11.15 14.37 -9.18
C VAL B 71 9.94 15.17 -9.64
N GLU B 72 8.77 14.54 -9.69
CA GLU B 72 7.56 15.23 -10.14
C GLU B 72 7.12 16.31 -9.16
N ARG B 73 7.25 16.05 -7.85
CA ARG B 73 6.85 17.02 -6.85
C ARG B 73 7.63 18.31 -6.98
N ARG B 74 8.95 18.20 -7.12
CA ARG B 74 9.81 19.37 -7.13
C ARG B 74 9.94 19.99 -8.52
N PHE B 75 9.60 19.23 -9.57
CA PHE B 75 9.56 19.76 -10.94
C PHE B 75 8.30 19.21 -11.61
N PRO B 76 7.18 19.92 -11.50
CA PRO B 76 5.94 19.42 -12.08
C PRO B 76 6.02 19.31 -13.59
N GLY B 77 5.46 18.24 -14.13
CA GLY B 77 5.51 17.96 -15.55
C GLY B 77 6.67 17.10 -16.00
N SER B 78 7.59 16.75 -15.10
CA SER B 78 8.75 15.96 -15.50
C SER B 78 8.37 14.58 -16.00
N LEU B 79 7.23 14.05 -15.54
CA LEU B 79 6.78 12.72 -15.91
C LEU B 79 5.65 12.75 -16.93
N ALA B 80 5.65 13.74 -17.82
CA ALA B 80 4.63 13.80 -18.86
C ALA B 80 4.78 12.64 -19.83
N ALA B 81 3.76 12.45 -20.67
CA ALA B 81 3.78 11.37 -21.65
C ALA B 81 4.97 11.52 -22.58
N VAL B 82 5.71 10.44 -22.76
CA VAL B 82 6.92 10.44 -23.57
C VAL B 82 6.56 10.18 -25.03
N ASP B 83 7.16 10.94 -25.93
CA ASP B 83 6.96 10.75 -27.36
C ASP B 83 7.62 9.44 -27.81
N GLN B 84 7.46 9.14 -29.10
CA GLN B 84 8.02 7.91 -29.67
C GLN B 84 9.50 7.99 -29.95
N ASP B 85 10.12 9.17 -29.83
CA ASP B 85 11.53 9.32 -30.17
C ASP B 85 12.43 8.51 -29.25
N GLY B 86 12.08 8.43 -27.96
CA GLY B 86 12.88 7.71 -27.00
C GLY B 86 12.76 8.30 -25.61
N PRO B 87 13.45 7.70 -24.65
CA PRO B 87 13.37 8.18 -23.27
C PRO B 87 13.88 9.62 -23.15
N ARG B 88 13.23 10.38 -22.28
CA ARG B 88 13.54 11.79 -22.07
C ARG B 88 14.35 11.94 -20.78
N GLU B 89 15.56 12.47 -20.91
CA GLU B 89 16.44 12.62 -19.76
C GLU B 89 15.85 13.63 -18.77
N LEU B 90 15.74 13.22 -17.51
CA LEU B 90 15.17 14.08 -16.47
C LEU B 90 16.13 15.22 -16.16
N GLN B 91 15.79 16.41 -16.61
CA GLN B 91 16.56 17.61 -16.27
C GLN B 91 15.60 18.75 -15.98
N PRO B 92 15.65 19.36 -14.79
CA PRO B 92 16.53 19.01 -13.65
C PRO B 92 16.14 17.69 -13.00
N ALA B 93 17.10 17.01 -12.37
CA ALA B 93 16.85 15.76 -11.68
C ALA B 93 17.39 15.85 -10.26
N LEU B 94 16.95 14.93 -9.42
CA LEU B 94 17.34 14.86 -8.03
C LEU B 94 18.46 13.86 -7.84
N PRO B 95 19.21 13.96 -6.74
CA PRO B 95 20.16 12.89 -6.41
C PRO B 95 19.42 11.58 -6.13
N GLY B 96 20.16 10.48 -6.23
CA GLY B 96 19.59 9.17 -5.98
C GLY B 96 19.04 8.99 -4.59
N SER B 97 19.51 9.79 -3.63
CA SER B 97 18.96 9.75 -2.28
C SER B 97 17.47 10.05 -2.25
N ALA B 98 16.95 10.75 -3.27
CA ALA B 98 15.52 11.04 -3.33
C ALA B 98 14.69 9.78 -3.43
N GLY B 99 15.25 8.71 -3.99
CA GLY B 99 14.55 7.44 -4.11
C GLY B 99 14.87 6.43 -3.05
N VAL B 100 15.69 6.78 -2.07
CA VAL B 100 16.15 5.83 -1.06
C VAL B 100 15.09 5.72 0.04
N THR B 101 14.64 4.49 0.29
CA THR B 101 13.59 4.21 1.26
C THR B 101 14.08 3.22 2.30
N VAL B 102 13.38 3.20 3.43
CA VAL B 102 13.56 2.18 4.47
C VAL B 102 12.31 1.32 4.49
N GLU B 103 12.50 0.01 4.35
CA GLU B 103 11.38 -0.92 4.23
C GLU B 103 11.64 -2.14 5.10
N LEU B 104 10.60 -2.95 5.26
CA LEU B 104 10.78 -4.32 5.73
C LEU B 104 11.26 -5.17 4.56
N CYS B 105 12.01 -6.21 4.89
CA CYS B 105 12.38 -7.22 3.90
C CYS B 105 11.13 -7.74 3.21
N ALA B 106 11.10 -7.64 1.87
CA ALA B 106 9.90 -7.93 1.11
C ALA B 106 10.26 -8.64 -0.19
N GLY B 107 9.28 -9.36 -0.73
CA GLY B 107 9.45 -10.06 -1.99
C GLY B 107 8.11 -10.38 -2.60
N LEU B 108 8.10 -10.47 -3.94
CA LEU B 108 6.88 -10.78 -4.67
C LEU B 108 6.63 -12.28 -4.72
N VAL B 109 5.35 -12.65 -4.81
CA VAL B 109 4.95 -14.04 -4.96
C VAL B 109 4.68 -14.30 -6.44
N ASP B 110 5.74 -14.31 -7.26
CA ASP B 110 5.60 -14.44 -8.70
C ASP B 110 6.15 -15.75 -9.24
N GLN B 111 6.48 -16.70 -8.38
CA GLN B 111 6.94 -18.02 -8.79
C GLN B 111 5.94 -19.06 -8.27
N PRO B 112 5.32 -19.86 -9.14
CA PRO B 112 4.22 -20.73 -8.68
C PRO B 112 4.65 -21.84 -7.74
N GLY B 113 5.93 -22.11 -7.59
CA GLY B 113 6.40 -23.23 -6.81
C GLY B 113 6.89 -22.94 -5.41
N LEU B 114 6.78 -21.70 -4.94
CA LEU B 114 7.25 -21.31 -3.62
C LEU B 114 6.09 -20.86 -2.76
N SER B 115 6.01 -21.39 -1.53
CA SER B 115 5.01 -20.93 -0.57
C SER B 115 5.34 -19.51 -0.11
N LEU B 116 4.35 -18.88 0.54
CA LEU B 116 4.58 -17.56 1.11
C LEU B 116 5.74 -17.57 2.10
N GLU B 117 5.79 -18.59 2.95
CA GLU B 117 6.88 -18.70 3.92
C GLU B 117 8.23 -18.89 3.22
N GLU B 118 8.24 -19.67 2.14
CA GLU B 118 9.50 -19.91 1.43
C GLU B 118 9.98 -18.64 0.72
N VAL B 119 9.05 -17.83 0.21
CA VAL B 119 9.45 -16.55 -0.39
C VAL B 119 10.05 -15.64 0.68
N ALA B 120 9.45 -15.64 1.88
CA ALA B 120 9.97 -14.79 2.96
C ALA B 120 11.36 -15.23 3.40
N CYS B 121 11.59 -16.54 3.49
CA CYS B 121 12.92 -17.03 3.86
C CYS B 121 13.95 -16.70 2.80
N LYS B 122 13.61 -16.88 1.52
CA LYS B 122 14.54 -16.57 0.44
C LYS B 122 14.90 -15.08 0.44
N GLU B 123 13.92 -14.21 0.68
CA GLU B 123 14.19 -12.78 0.67
C GLU B 123 15.02 -12.35 1.86
N ALA B 124 14.79 -12.96 3.04
CA ALA B 124 15.57 -12.60 4.21
C ALA B 124 17.04 -12.96 4.05
N TRP B 125 17.33 -14.02 3.31
CA TRP B 125 18.72 -14.37 3.06
C TRP B 125 19.36 -13.41 2.04
N GLU B 126 18.68 -13.19 0.91
CA GLU B 126 19.26 -12.39 -0.15
C GLU B 126 19.43 -10.94 0.26
N GLU B 127 18.50 -10.41 1.04
CA GLU B 127 18.51 -8.99 1.37
C GLU B 127 19.11 -8.68 2.73
N CYS B 128 18.89 -9.54 3.72
CA CYS B 128 19.37 -9.28 5.08
C CYS B 128 20.51 -10.19 5.52
N GLY B 129 20.73 -11.31 4.84
CA GLY B 129 21.80 -12.22 5.22
C GLY B 129 21.50 -13.12 6.39
N TYR B 130 20.23 -13.35 6.70
CA TYR B 130 19.83 -14.21 7.81
C TYR B 130 19.26 -15.52 7.27
N HIS B 131 19.70 -16.63 7.85
CA HIS B 131 19.13 -17.94 7.53
C HIS B 131 17.84 -18.13 8.32
N LEU B 132 16.72 -18.24 7.61
CA LEU B 132 15.43 -18.49 8.21
C LEU B 132 14.83 -19.77 7.66
N ALA B 133 14.06 -20.46 8.51
CA ALA B 133 13.25 -21.58 8.10
C ALA B 133 11.77 -21.22 8.22
N PRO B 134 10.90 -21.79 7.37
CA PRO B 134 9.48 -21.45 7.46
C PRO B 134 8.88 -21.70 8.84
N SER B 135 9.39 -22.69 9.58
CA SER B 135 8.85 -22.97 10.91
C SER B 135 9.24 -21.92 11.94
N ASP B 136 10.22 -21.07 11.64
CA ASP B 136 10.57 -19.96 12.52
C ASP B 136 9.72 -18.73 12.29
N LEU B 137 8.87 -18.74 11.27
CA LEU B 137 8.05 -17.58 10.93
C LEU B 137 6.69 -17.65 11.60
N ARG B 138 6.20 -16.49 12.03
CA ARG B 138 4.84 -16.35 12.56
C ARG B 138 4.11 -15.30 11.73
N ARG B 139 2.84 -15.56 11.43
CA ARG B 139 2.05 -14.64 10.63
C ARG B 139 1.50 -13.54 11.54
N VAL B 140 1.83 -12.28 11.22
CA VAL B 140 1.34 -11.14 11.98
C VAL B 140 0.01 -10.64 11.43
N ALA B 141 -0.05 -10.39 10.13
CA ALA B 141 -1.25 -9.87 9.50
C ALA B 141 -1.19 -10.13 8.00
N THR B 142 -2.35 -10.27 7.40
CA THR B 142 -2.48 -10.35 5.95
C THR B 142 -3.51 -9.33 5.52
N TYR B 143 -3.13 -8.45 4.60
CA TYR B 143 -3.93 -7.29 4.27
C TYR B 143 -3.84 -7.01 2.79
N TRP B 144 -4.70 -6.11 2.33
CA TRP B 144 -4.74 -5.67 0.94
C TRP B 144 -4.03 -4.32 0.83
N SER B 145 -3.19 -4.17 -0.18
CA SER B 145 -2.39 -2.97 -0.38
C SER B 145 -2.76 -2.34 -1.72
N GLY B 146 -3.11 -1.05 -1.69
CA GLY B 146 -3.45 -0.33 -2.90
C GLY B 146 -4.77 -0.77 -3.51
N VAL B 147 -5.82 -0.83 -2.69
CA VAL B 147 -7.10 -1.36 -3.12
C VAL B 147 -7.69 -0.63 -4.32
N GLY B 148 -7.27 0.61 -4.56
CA GLY B 148 -7.81 1.38 -5.66
C GLY B 148 -7.31 0.94 -7.03
N LEU B 149 -6.02 0.66 -7.14
CA LEU B 149 -5.40 0.35 -8.42
C LEU B 149 -4.94 -1.09 -8.56
N THR B 150 -4.98 -1.87 -7.48
CA THR B 150 -4.55 -3.26 -7.53
C THR B 150 -5.27 -4.04 -6.44
N GLY B 151 -5.37 -5.35 -6.64
CA GLY B 151 -5.98 -6.21 -5.65
C GLY B 151 -4.97 -7.05 -4.89
N SER B 152 -3.73 -6.56 -4.82
CA SER B 152 -2.65 -7.32 -4.22
C SER B 152 -2.87 -7.52 -2.73
N ARG B 153 -2.49 -8.70 -2.25
CA ARG B 153 -2.53 -9.04 -0.84
C ARG B 153 -1.10 -9.26 -0.34
N GLN B 154 -0.75 -8.62 0.76
CA GLN B 154 0.56 -8.74 1.37
C GLN B 154 0.44 -9.40 2.72
N THR B 155 1.33 -10.34 3.00
CA THR B 155 1.36 -11.09 4.25
C THR B 155 2.64 -10.75 5.01
N MET B 156 2.49 -10.27 6.24
CA MET B 156 3.62 -9.88 7.07
C MET B 156 3.94 -10.99 8.07
N PHE B 157 5.20 -11.41 8.08
CA PHE B 157 5.68 -12.40 9.03
C PHE B 157 6.59 -11.73 10.07
N TYR B 158 6.71 -12.39 11.22
CA TYR B 158 7.62 -11.97 12.28
C TYR B 158 8.50 -13.15 12.65
N THR B 159 9.75 -12.87 12.99
CA THR B 159 10.67 -13.93 13.38
C THR B 159 11.77 -13.34 14.25
N GLU B 160 12.35 -14.18 15.09
CA GLU B 160 13.36 -13.79 16.06
C GLU B 160 14.66 -14.51 15.73
N VAL B 161 15.77 -13.77 15.71
CA VAL B 161 17.06 -14.29 15.26
C VAL B 161 18.15 -13.82 16.21
N THR B 162 19.33 -14.42 16.06
CA THR B 162 20.59 -13.93 16.63
C THR B 162 21.60 -13.83 15.50
N ASP B 163 22.83 -13.39 15.83
CA ASP B 163 23.88 -13.35 14.83
C ASP B 163 24.27 -14.74 14.34
N ALA B 164 23.93 -15.79 15.09
CA ALA B 164 24.25 -17.15 14.67
C ALA B 164 23.57 -17.52 13.37
N GLN B 165 22.47 -16.85 13.01
CA GLN B 165 21.80 -17.08 11.75
C GLN B 165 22.31 -16.16 10.64
N ARG B 166 23.14 -15.16 10.97
CA ARG B 166 23.72 -14.29 9.96
C ARG B 166 25.04 -14.90 9.46
N SER B 167 24.90 -16.04 8.79
CA SER B 167 26.05 -16.74 8.24
C SER B 167 26.51 -16.18 6.91
N GLY B 168 25.85 -15.16 6.39
CA GLY B 168 26.23 -14.58 5.12
C GLY B 168 25.70 -13.18 4.92
N PRO B 169 25.91 -12.63 3.72
CA PRO B 169 25.49 -11.24 3.48
C PRO B 169 24.16 -11.11 2.75
N GLY B 170 23.57 -9.93 2.84
CA GLY B 170 22.44 -9.57 2.04
C GLY B 170 22.86 -8.76 0.82
N GLY B 171 22.26 -7.59 0.65
CA GLY B 171 22.61 -6.76 -0.47
C GLY B 171 22.17 -7.30 -1.82
N GLY B 172 21.13 -8.12 -1.83
CA GLY B 172 20.65 -8.70 -3.07
C GLY B 172 21.58 -9.77 -3.61
N LEU B 173 21.17 -10.34 -4.75
CA LEU B 173 21.99 -11.35 -5.40
C LEU B 173 23.12 -10.73 -6.22
N VAL B 174 22.92 -9.52 -6.72
CA VAL B 174 23.88 -8.84 -7.60
C VAL B 174 24.15 -9.68 -8.84
N GLU B 178 21.42 -5.76 -7.83
CA GLU B 178 20.73 -5.35 -6.61
C GLU B 178 21.71 -4.82 -5.56
N LEU B 179 21.39 -3.66 -4.98
CA LEU B 179 22.20 -3.05 -3.94
C LEU B 179 21.28 -2.68 -2.78
N ILE B 180 21.38 -3.44 -1.69
CA ILE B 180 20.55 -3.23 -0.51
C ILE B 180 21.45 -3.12 0.72
N GLU B 181 21.16 -2.14 1.57
CA GLU B 181 21.87 -1.94 2.82
C GLU B 181 21.00 -2.42 3.98
N VAL B 182 21.57 -3.29 4.81
CA VAL B 182 20.84 -3.82 5.96
C VAL B 182 20.94 -2.83 7.11
N VAL B 183 19.82 -2.60 7.78
CA VAL B 183 19.72 -1.64 8.87
C VAL B 183 19.31 -2.39 10.13
N HIS B 184 20.07 -2.21 11.20
CA HIS B 184 19.73 -2.74 12.52
C HIS B 184 19.29 -1.57 13.39
N LEU B 185 18.00 -1.50 13.69
CA LEU B 185 17.41 -0.40 14.43
C LEU B 185 17.34 -0.77 15.90
N PRO B 186 18.13 -0.15 16.78
CA PRO B 186 18.04 -0.46 18.21
C PRO B 186 16.66 -0.16 18.74
N LEU B 187 16.19 -1.00 19.68
CA LEU B 187 14.84 -0.86 20.21
C LEU B 187 14.66 0.47 20.92
N GLU B 188 15.73 1.03 21.49
CA GLU B 188 15.60 2.24 22.30
C GLU B 188 15.13 3.43 21.47
N GLY B 189 15.58 3.51 20.22
CA GLY B 189 15.19 4.63 19.37
C GLY B 189 14.28 4.23 18.22
N ALA B 190 13.61 3.09 18.35
CA ALA B 190 12.81 2.56 17.26
C ALA B 190 11.56 3.40 17.01
N GLN B 191 10.88 3.83 18.09
CA GLN B 191 9.66 4.60 17.91
C GLN B 191 9.95 5.98 17.34
N ALA B 192 11.03 6.62 17.80
CA ALA B 192 11.40 7.92 17.24
C ALA B 192 11.80 7.80 15.78
N PHE B 193 12.43 6.68 15.41
CA PHE B 193 12.74 6.41 14.01
C PHE B 193 11.46 6.37 13.18
N ALA B 194 10.46 5.62 13.65
CA ALA B 194 9.24 5.43 12.86
C ALA B 194 8.43 6.71 12.74
N ASP B 195 8.58 7.63 13.69
CA ASP B 195 7.79 8.85 13.70
C ASP B 195 8.48 10.02 12.99
N ASP B 196 9.73 9.86 12.56
CA ASP B 196 10.49 10.96 11.98
C ASP B 196 10.19 11.05 10.49
N PRO B 197 9.47 12.08 10.02
CA PRO B 197 9.14 12.16 8.59
C PRO B 197 10.33 12.43 7.69
N ASP B 198 11.50 12.78 8.25
CA ASP B 198 12.67 13.04 7.42
C ASP B 198 13.17 11.79 6.71
N ILE B 199 12.89 10.62 7.27
CA ILE B 199 13.30 9.35 6.67
C ILE B 199 12.16 8.88 5.76
N PRO B 200 12.45 8.40 4.56
CA PRO B 200 11.41 7.80 3.72
C PRO B 200 11.11 6.38 4.16
N LYS B 201 9.95 6.19 4.77
CA LYS B 201 9.55 4.90 5.32
C LYS B 201 8.26 4.41 4.68
N THR B 202 8.02 3.11 4.77
CA THR B 202 6.75 2.53 4.36
C THR B 202 5.83 2.33 5.56
N LEU B 203 4.55 2.11 5.26
CA LEU B 203 3.59 1.84 6.32
C LEU B 203 3.90 0.52 6.99
N GLY B 204 4.41 -0.45 6.21
CA GLY B 204 4.83 -1.71 6.80
C GLY B 204 5.89 -1.52 7.87
N VAL B 205 6.79 -0.55 7.69
CA VAL B 205 7.79 -0.27 8.71
C VAL B 205 7.15 0.41 9.91
N ILE B 206 6.30 1.41 9.68
CA ILE B 206 5.66 2.12 10.78
C ILE B 206 4.81 1.16 11.60
N PHE B 207 4.03 0.30 10.93
CA PHE B 207 3.21 -0.67 11.65
C PHE B 207 4.07 -1.75 12.30
N GLY B 208 5.08 -2.25 11.60
CA GLY B 208 5.95 -3.25 12.18
C GLY B 208 6.58 -2.79 13.47
N VAL B 209 7.15 -1.58 13.47
CA VAL B 209 7.77 -1.03 14.66
C VAL B 209 6.72 -0.82 15.76
N SER B 210 5.59 -0.22 15.39
CA SER B 210 4.54 0.06 16.36
C SER B 210 4.01 -1.23 16.99
N TRP B 211 3.77 -2.26 16.17
CA TRP B 211 3.25 -3.53 16.68
C TRP B 211 4.26 -4.21 17.59
N PHE B 212 5.55 -4.20 17.22
CA PHE B 212 6.55 -4.85 18.04
C PHE B 212 6.66 -4.19 19.40
N LEU B 213 6.71 -2.86 19.44
CA LEU B 213 6.95 -2.16 20.70
C LEU B 213 5.75 -2.25 21.64
N SER B 214 4.53 -2.32 21.10
CA SER B 214 3.34 -2.31 21.94
C SER B 214 2.88 -3.70 22.35
N GLN B 215 3.22 -4.73 21.58
CA GLN B 215 2.72 -6.08 21.86
C GLN B 215 3.79 -7.11 22.14
N VAL B 216 4.98 -6.97 21.57
CA VAL B 216 6.05 -7.96 21.74
C VAL B 216 7.04 -7.53 22.81
N ALA B 217 7.55 -6.31 22.70
CA ALA B 217 8.58 -5.83 23.63
C ALA B 217 8.16 -5.90 25.09
N PRO B 218 6.95 -5.53 25.50
CA PRO B 218 6.60 -5.62 26.93
C PRO B 218 6.63 -7.03 27.48
N ASN B 219 6.57 -8.06 26.64
CA ASN B 219 6.55 -9.44 27.09
C ASN B 219 7.91 -10.12 26.96
N LEU B 220 8.94 -9.38 26.57
CA LEU B 220 10.27 -9.96 26.43
C LEU B 220 10.90 -10.18 27.80
N ASP B 221 12.11 -10.74 27.78
CA ASP B 221 12.86 -11.09 28.99
C ASP B 221 12.12 -12.10 29.86
#